data_6G35
#
_entry.id   6G35
#
_cell.length_a   78.301
_cell.length_b   78.760
_cell.length_c   79.300
_cell.angle_alpha   90.00
_cell.angle_beta   90.00
_cell.angle_gamma   90.00
#
_symmetry.space_group_name_H-M   'P 21 21 21'
#
loop_
_entity.id
_entity.type
_entity.pdbx_description
1 polymer 'Serine/threonine-protein kinase haspin'
2 non-polymer 'SODIUM ION'
3 non-polymer 5-bromotubercidin
4 non-polymer 'BROMIDE ION'
5 non-polymer 'COBALT (II) ION'
6 non-polymer (4S)-2-METHYL-2,4-PENTANEDIOL
7 water water
#
_entity_poly.entity_id   1
_entity_poly.type   'polypeptide(L)'
_entity_poly.pdbx_seq_one_letter_code
;MHHHHHHSSGVDLGTENLYFQSMGECSQKGPVPFSHCLPTEKLQRCEKIGEGVFGEVFQTIADHTPVAIKIIAIEGPDLV
NGSHQKTFEEILPEIIISKELSLLSGEVCNRTEGFIGLNSVHCVQGSYPPLLLKAWDHYNSTKGSANDRPDFFKDDQLFI
VLEFEFGGIDLEQMRTKLSSLATAKSILHQLTASLAVAEASLRFEHRDLHWGNVLLKKTSLKKLHYTLNGKSSTIPSCGL
QVSIIDYTLSRLERDGIVVFCDVSMDEDLFTGDGDYQFDIYRLMKKENNNRWGEYHPYSNVLWLHYLTDKMLKQMTFKTK
CNTPAMKQIKRKIQEFHRTMLNFSSATDLLCQHSLFK
;
_entity_poly.pdbx_strand_id   A
#
# COMPACT_ATOMS: atom_id res chain seq x y z
N PHE A 20 -3.69 -18.89 -18.11
CA PHE A 20 -2.34 -19.04 -17.45
C PHE A 20 -2.26 -18.32 -16.12
N GLN A 21 -1.53 -18.92 -15.18
CA GLN A 21 -1.31 -18.31 -13.85
C GLN A 21 -0.35 -17.10 -13.91
N SER A 22 -0.27 -16.37 -12.81
CA SER A 22 0.51 -15.10 -12.70
C SER A 22 0.60 -14.16 -13.92
N MET A 23 -0.59 -13.79 -14.44
CA MET A 23 -0.72 -12.88 -15.59
C MET A 23 0.08 -13.33 -16.83
N GLY A 24 0.17 -14.65 -17.05
CA GLY A 24 0.90 -15.22 -18.21
C GLY A 24 2.40 -15.54 -17.99
N GLU A 25 2.91 -15.21 -16.79
CA GLU A 25 4.34 -15.40 -16.46
C GLU A 25 4.60 -16.71 -15.61
N CYS A 26 3.51 -17.42 -15.25
CA CYS A 26 3.57 -18.83 -14.76
C CYS A 26 3.01 -19.77 -15.87
N SER A 27 3.64 -20.94 -16.03
CA SER A 27 3.27 -21.93 -17.06
C SER A 27 1.99 -22.76 -16.74
N GLN A 28 1.47 -22.68 -15.50
CA GLN A 28 0.22 -23.39 -15.08
C GLN A 28 -1.09 -22.71 -15.56
N LYS A 29 -2.07 -23.53 -15.98
CA LYS A 29 -3.42 -23.08 -16.39
C LYS A 29 -4.49 -23.68 -15.42
N GLY A 30 -5.47 -22.87 -15.00
CA GLY A 30 -6.54 -23.31 -14.06
C GLY A 30 -6.04 -23.13 -12.63
N PRO A 31 -6.92 -23.25 -11.61
CA PRO A 31 -6.40 -23.00 -10.26
C PRO A 31 -5.33 -24.01 -9.84
N VAL A 32 -4.46 -23.60 -8.95
CA VAL A 32 -3.36 -24.43 -8.42
C VAL A 32 -3.64 -24.71 -6.93
N PRO A 33 -3.01 -25.75 -6.37
CA PRO A 33 -3.15 -25.95 -4.93
C PRO A 33 -2.30 -24.98 -4.16
N PHE A 34 -2.57 -24.83 -2.87
CA PHE A 34 -1.77 -23.90 -2.10
C PHE A 34 -0.27 -24.27 -2.17
N SER A 35 -0.01 -25.56 -2.23
CA SER A 35 1.35 -26.06 -2.26
C SER A 35 2.17 -25.51 -3.43
N HIS A 36 1.51 -25.10 -4.53
CA HIS A 36 2.22 -24.43 -5.64
C HIS A 36 2.90 -23.12 -5.26
N CYS A 37 2.24 -22.34 -4.42
CA CYS A 37 2.69 -21.04 -3.94
C CYS A 37 3.51 -21.17 -2.69
N LEU A 38 3.13 -22.16 -1.86
CA LEU A 38 3.68 -22.32 -0.56
C LEU A 38 4.17 -23.77 -0.45
N PRO A 39 5.29 -24.10 -1.13
CA PRO A 39 5.89 -25.39 -0.85
C PRO A 39 6.22 -25.55 0.63
N THR A 40 6.38 -26.79 1.05
CA THR A 40 6.47 -27.12 2.47
CA THR A 40 6.49 -27.14 2.48
C THR A 40 7.35 -26.18 3.29
N GLU A 41 8.59 -25.95 2.83
CA GLU A 41 9.49 -25.14 3.65
C GLU A 41 9.03 -23.71 3.74
N LYS A 42 8.53 -23.17 2.65
CA LYS A 42 7.98 -21.81 2.62
C LYS A 42 6.75 -21.70 3.54
N LEU A 43 5.88 -22.70 3.45
CA LEU A 43 4.71 -22.72 4.31
C LEU A 43 5.10 -22.86 5.79
N GLN A 44 6.11 -23.67 6.10
CA GLN A 44 6.57 -23.83 7.48
C GLN A 44 7.15 -22.57 8.05
N ARG A 45 7.60 -21.66 7.20
CA ARG A 45 8.24 -20.45 7.69
CA ARG A 45 8.24 -20.43 7.67
C ARG A 45 7.27 -19.27 7.72
N CYS A 46 5.97 -19.50 7.37
CA CYS A 46 4.99 -18.43 7.42
C CYS A 46 4.70 -17.95 8.83
N GLU A 47 4.72 -16.63 9.01
CA GLU A 47 4.24 -15.93 10.24
C GLU A 47 3.26 -14.88 9.81
N LYS A 48 2.14 -14.75 10.51
CA LYS A 48 1.19 -13.78 10.12
C LYS A 48 1.65 -12.37 10.57
N ILE A 49 1.55 -11.43 9.62
CA ILE A 49 1.99 -10.04 9.87
C ILE A 49 0.90 -8.99 9.74
N GLY A 50 -0.27 -9.32 9.20
CA GLY A 50 -1.28 -8.35 9.03
C GLY A 50 -2.59 -8.93 8.60
N GLU A 51 -3.61 -8.09 8.62
CA GLU A 51 -4.97 -8.52 8.32
C GLU A 51 -5.81 -7.35 7.92
N GLY A 52 -6.96 -7.67 7.36
CA GLY A 52 -8.06 -6.74 7.25
C GLY A 52 -9.29 -7.49 6.87
N VAL A 53 -10.36 -6.78 6.61
CA VAL A 53 -11.56 -7.46 6.16
C VAL A 53 -11.29 -8.30 4.92
N PHE A 54 -10.39 -7.86 4.04
CA PHE A 54 -10.01 -8.58 2.85
C PHE A 54 -9.52 -9.98 3.06
N GLY A 55 -8.89 -10.25 4.21
CA GLY A 55 -8.14 -11.53 4.41
C GLY A 55 -6.89 -11.31 5.22
N GLU A 56 -5.81 -11.98 4.84
CA GLU A 56 -4.68 -12.24 5.71
C GLU A 56 -3.40 -11.96 4.98
N VAL A 57 -2.39 -11.52 5.73
CA VAL A 57 -1.05 -11.30 5.18
C VAL A 57 -0.02 -12.02 6.02
N PHE A 58 0.78 -12.86 5.36
CA PHE A 58 1.83 -13.65 5.99
C PHE A 58 3.18 -13.23 5.49
N GLN A 59 4.16 -13.35 6.31
CA GLN A 59 5.54 -13.22 5.86
C GLN A 59 6.15 -14.58 5.83
N THR A 60 6.98 -14.83 4.81
CA THR A 60 7.75 -16.03 4.76
C THR A 60 9.06 -15.73 4.02
N ILE A 61 9.80 -16.75 3.73
CA ILE A 61 11.12 -16.58 3.14
CA ILE A 61 11.17 -16.62 3.18
C ILE A 61 11.28 -17.60 2.05
N ALA A 62 11.81 -17.16 0.91
CA ALA A 62 12.35 -18.12 -0.02
C ALA A 62 13.52 -17.49 -0.75
N ASP A 63 14.42 -18.37 -1.11
CA ASP A 63 15.74 -17.99 -1.61
C ASP A 63 16.30 -16.86 -0.73
N HIS A 64 16.28 -17.13 0.58
CA HIS A 64 16.90 -16.27 1.58
C HIS A 64 16.34 -14.90 1.66
N THR A 65 15.13 -14.66 1.10
CA THR A 65 14.59 -13.34 0.94
C THR A 65 13.15 -13.29 1.49
N PRO A 66 12.88 -12.36 2.40
CA PRO A 66 11.49 -12.32 2.88
C PRO A 66 10.52 -11.88 1.82
N VAL A 67 9.31 -12.40 1.89
CA VAL A 67 8.21 -11.98 1.07
C VAL A 67 6.95 -11.87 1.90
N ALA A 68 5.97 -11.15 1.37
CA ALA A 68 4.67 -11.02 2.01
C ALA A 68 3.62 -11.61 1.11
N ILE A 69 2.79 -12.46 1.67
CA ILE A 69 1.78 -13.20 0.92
C ILE A 69 0.42 -12.74 1.40
N LYS A 70 -0.36 -12.14 0.49
CA LYS A 70 -1.70 -11.65 0.76
C LYS A 70 -2.67 -12.67 0.20
N ILE A 71 -3.61 -13.14 1.03
CA ILE A 71 -4.49 -14.25 0.66
C ILE A 71 -5.90 -13.75 0.81
N ILE A 72 -6.63 -13.78 -0.27
CA ILE A 72 -8.00 -13.25 -0.38
C ILE A 72 -8.90 -14.33 -0.90
N ALA A 73 -9.97 -14.67 -0.15
CA ALA A 73 -11.00 -15.61 -0.61
C ALA A 73 -11.84 -14.93 -1.61
N ILE A 74 -12.15 -15.63 -2.70
CA ILE A 74 -13.04 -15.12 -3.71
C ILE A 74 -14.09 -16.11 -4.19
N GLU A 75 -15.20 -15.57 -4.74
CA GLU A 75 -16.19 -16.34 -5.49
C GLU A 75 -17.17 -17.19 -4.68
N GLY A 76 -16.99 -17.28 -3.37
CA GLY A 76 -17.79 -18.13 -2.49
C GLY A 76 -18.93 -17.37 -1.85
N PRO A 77 -19.85 -18.10 -1.25
CA PRO A 77 -21.07 -17.51 -0.67
C PRO A 77 -20.94 -17.19 0.86
N ASP A 78 -19.88 -17.61 1.50
CA ASP A 78 -19.77 -17.39 2.92
C ASP A 78 -19.36 -15.95 3.17
N LEU A 79 -19.90 -15.34 4.22
CA LEU A 79 -19.34 -14.12 4.73
C LEU A 79 -17.95 -14.48 5.26
N VAL A 80 -17.02 -13.55 5.09
CA VAL A 80 -15.65 -13.73 5.60
C VAL A 80 -15.37 -12.42 6.28
N ASN A 81 -15.03 -12.50 7.57
CA ASN A 81 -14.79 -11.27 8.36
C ASN A 81 -15.96 -10.32 8.29
N GLY A 82 -17.15 -10.87 8.13
CA GLY A 82 -18.37 -10.09 8.16
C GLY A 82 -18.82 -9.50 6.83
N SER A 83 -18.07 -9.74 5.77
CA SER A 83 -18.33 -9.16 4.43
C SER A 83 -18.42 -10.27 3.37
N HIS A 84 -19.16 -10.00 2.30
CA HIS A 84 -19.17 -10.93 1.15
C HIS A 84 -17.83 -10.97 0.45
N GLN A 85 -17.52 -12.14 -0.10
CA GLN A 85 -16.35 -12.29 -0.88
C GLN A 85 -16.48 -11.58 -2.23
N LYS A 86 -15.36 -11.03 -2.67
CA LYS A 86 -15.27 -10.48 -4.04
C LYS A 86 -15.36 -11.59 -5.07
N THR A 87 -15.92 -11.25 -6.22
CA THR A 87 -15.87 -12.11 -7.39
C THR A 87 -14.50 -11.93 -8.06
N PHE A 88 -14.19 -12.78 -9.03
CA PHE A 88 -12.95 -12.61 -9.75
C PHE A 88 -12.94 -11.23 -10.47
N GLU A 89 -14.08 -10.84 -11.06
CA GLU A 89 -14.18 -9.55 -11.69
C GLU A 89 -13.89 -8.40 -10.75
N GLU A 90 -14.32 -8.53 -9.50
CA GLU A 90 -14.15 -7.47 -8.51
C GLU A 90 -12.71 -7.40 -7.98
N ILE A 91 -12.01 -8.51 -7.97
CA ILE A 91 -10.62 -8.53 -7.51
C ILE A 91 -9.62 -8.16 -8.60
N LEU A 92 -10.02 -8.27 -9.86
CA LEU A 92 -9.11 -7.96 -10.98
C LEU A 92 -8.48 -6.58 -10.91
N PRO A 93 -9.22 -5.53 -10.55
CA PRO A 93 -8.57 -4.22 -10.46
C PRO A 93 -7.39 -4.16 -9.55
N GLU A 94 -7.47 -4.74 -8.36
CA GLU A 94 -6.34 -4.74 -7.47
C GLU A 94 -5.14 -5.47 -8.08
N ILE A 95 -5.40 -6.62 -8.73
CA ILE A 95 -4.31 -7.37 -9.37
C ILE A 95 -3.65 -6.55 -10.46
N ILE A 96 -4.44 -5.93 -11.33
CA ILE A 96 -3.90 -5.15 -12.44
C ILE A 96 -3.10 -3.95 -11.91
N ILE A 97 -3.63 -3.27 -10.92
CA ILE A 97 -2.99 -2.08 -10.38
C ILE A 97 -1.69 -2.48 -9.65
N SER A 98 -1.70 -3.57 -8.89
CA SER A 98 -0.46 -4.06 -8.26
C SER A 98 0.62 -4.26 -9.30
N LYS A 99 0.28 -4.89 -10.42
CA LYS A 99 1.28 -5.13 -11.44
C LYS A 99 1.79 -3.83 -12.06
N GLU A 100 0.89 -2.94 -12.43
CA GLU A 100 1.29 -1.73 -13.12
C GLU A 100 2.22 -0.90 -12.22
N LEU A 101 1.95 -0.83 -10.93
CA LEU A 101 2.74 0.02 -10.03
C LEU A 101 4.08 -0.64 -9.75
N SER A 102 4.07 -1.97 -9.67
CA SER A 102 5.36 -2.68 -9.52
C SER A 102 6.24 -2.41 -10.73
N LEU A 103 5.66 -2.45 -11.94
CA LEU A 103 6.44 -2.22 -13.14
C LEU A 103 7.12 -0.86 -13.24
N LEU A 104 6.68 0.11 -12.45
CA LEU A 104 7.27 1.42 -12.49
C LEU A 104 8.74 1.38 -12.06
N SER A 105 9.12 0.34 -11.34
CA SER A 105 10.53 0.26 -10.94
C SER A 105 11.45 0.05 -12.08
N GLY A 106 10.96 -0.52 -13.20
CA GLY A 106 11.76 -0.79 -14.34
C GLY A 106 11.54 0.10 -15.55
N GLU A 107 10.70 1.13 -15.39
CA GLU A 107 10.47 2.05 -16.50
C GLU A 107 11.53 3.13 -16.58
N VAL A 108 11.43 4.02 -17.56
CA VAL A 108 12.49 4.96 -17.87
C VAL A 108 12.04 6.38 -17.71
N CYS A 109 10.97 6.78 -18.40
CA CYS A 109 10.51 8.18 -18.33
C CYS A 109 9.81 8.50 -17.01
N ASN A 110 9.08 7.50 -16.49
CA ASN A 110 8.39 7.63 -15.21
C ASN A 110 8.70 6.39 -14.39
N ARG A 111 9.69 6.56 -13.52
CA ARG A 111 10.27 5.44 -12.80
CA ARG A 111 10.33 5.45 -12.82
C ARG A 111 10.26 5.72 -11.32
N THR A 112 9.83 4.74 -10.56
CA THR A 112 9.86 4.85 -9.08
C THR A 112 9.90 3.43 -8.50
N GLU A 113 10.64 3.27 -7.38
CA GLU A 113 10.60 2.04 -6.59
C GLU A 113 9.70 2.19 -5.36
N GLY A 114 8.93 3.27 -5.30
CA GLY A 114 8.15 3.57 -4.12
C GLY A 114 6.83 2.84 -3.89
N PHE A 115 6.46 1.97 -4.85
N PHE A 115 6.42 2.00 -4.83
CA PHE A 115 5.33 1.04 -4.71
CA PHE A 115 5.30 1.17 -4.57
C PHE A 115 5.86 -0.36 -4.50
C PHE A 115 5.89 -0.11 -4.01
N ILE A 116 5.14 -1.17 -3.76
N ILE A 116 5.33 -1.24 -4.35
CA ILE A 116 5.67 -2.54 -3.47
CA ILE A 116 5.80 -2.47 -3.72
C ILE A 116 5.87 -3.43 -4.73
C ILE A 116 5.91 -3.45 -4.81
N GLY A 117 6.99 -4.20 -4.79
CA GLY A 117 7.17 -5.13 -5.85
C GLY A 117 6.18 -6.29 -5.81
N LEU A 118 5.68 -6.68 -6.95
CA LEU A 118 4.79 -7.82 -7.09
C LEU A 118 5.54 -8.97 -7.70
N ASN A 119 5.74 -10.05 -6.95
CA ASN A 119 6.48 -11.20 -7.46
C ASN A 119 5.60 -12.14 -8.30
N SER A 120 4.37 -12.40 -7.79
CA SER A 120 3.51 -13.33 -8.50
C SER A 120 2.09 -13.18 -8.02
N VAL A 121 1.17 -13.66 -8.84
CA VAL A 121 -0.25 -13.75 -8.46
C VAL A 121 -0.76 -15.10 -8.91
N HIS A 122 -1.45 -15.83 -8.02
CA HIS A 122 -2.02 -17.11 -8.36
C HIS A 122 -3.48 -17.14 -7.92
N CYS A 123 -4.24 -17.93 -8.63
CA CYS A 123 -5.56 -18.36 -8.18
C CYS A 123 -5.38 -19.77 -7.67
N VAL A 124 -5.69 -19.94 -6.39
CA VAL A 124 -5.49 -21.13 -5.62
C VAL A 124 -6.85 -21.74 -5.27
N GLN A 125 -6.92 -23.08 -5.24
CA GLN A 125 -8.12 -23.76 -4.81
C GLN A 125 -7.77 -24.74 -3.69
N GLY A 126 -8.55 -24.72 -2.60
CA GLY A 126 -8.41 -25.65 -1.51
C GLY A 126 -8.87 -25.09 -0.17
N SER A 127 -8.91 -25.93 0.83
CA SER A 127 -9.15 -25.46 2.19
C SER A 127 -7.91 -24.77 2.70
N TYR A 128 -8.04 -24.01 3.78
CA TYR A 128 -6.92 -23.28 4.25
C TYR A 128 -5.84 -24.18 4.83
N PRO A 129 -4.58 -23.96 4.46
CA PRO A 129 -3.54 -24.84 5.03
C PRO A 129 -3.48 -24.81 6.56
N PRO A 130 -3.44 -25.99 7.18
CA PRO A 130 -3.28 -26.01 8.62
C PRO A 130 -2.05 -25.25 9.14
N LEU A 131 -0.96 -25.22 8.39
CA LEU A 131 0.21 -24.48 8.84
C LEU A 131 -0.04 -22.98 8.86
N LEU A 132 -0.93 -22.50 8.00
CA LEU A 132 -1.32 -21.07 8.00
C LEU A 132 -2.28 -20.83 9.17
N LEU A 133 -3.12 -21.81 9.49
CA LEU A 133 -3.98 -21.68 10.70
C LEU A 133 -3.13 -21.59 11.97
N LYS A 134 -2.04 -22.35 12.02
CA LYS A 134 -1.10 -22.25 13.13
C LYS A 134 -0.54 -20.84 13.30
N ALA A 135 -0.07 -20.26 12.20
CA ALA A 135 0.40 -18.91 12.19
C ALA A 135 -0.71 -17.92 12.60
N TRP A 136 -1.91 -18.17 12.07
CA TRP A 136 -3.05 -17.28 12.37
C TRP A 136 -3.34 -17.29 13.88
N ASP A 137 -3.32 -18.48 14.44
CA ASP A 137 -3.55 -18.64 15.91
C ASP A 137 -2.48 -17.95 16.71
N HIS A 138 -1.21 -18.09 16.31
CA HIS A 138 -0.15 -17.40 17.04
C HIS A 138 -0.36 -15.87 17.10
N TYR A 139 -0.72 -15.27 15.98
CA TYR A 139 -1.02 -13.84 15.91
C TYR A 139 -2.21 -13.50 16.82
N ASN A 140 -3.28 -14.30 16.74
CA ASN A 140 -4.47 -14.08 17.57
C ASN A 140 -4.09 -14.11 19.05
N SER A 141 -3.21 -15.02 19.44
CA SER A 141 -2.80 -15.15 20.84
C SER A 141 -1.96 -14.00 21.33
N THR A 142 -1.20 -13.39 20.44
CA THR A 142 -0.21 -12.41 20.85
C THR A 142 -0.63 -10.98 20.56
N LYS A 143 -1.23 -10.72 19.40
CA LYS A 143 -1.70 -9.38 19.03
C LYS A 143 -3.21 -9.26 19.05
N GLY A 144 -3.92 -10.37 18.88
CA GLY A 144 -5.37 -10.33 18.78
C GLY A 144 -5.80 -10.00 17.36
N SER A 145 -6.84 -10.70 16.90
CA SER A 145 -7.36 -10.52 15.56
C SER A 145 -8.81 -10.07 15.57
N ALA A 146 -9.15 -9.23 14.61
CA ALA A 146 -10.53 -8.84 14.37
C ALA A 146 -11.20 -9.78 13.35
N ASN A 147 -10.45 -10.70 12.77
CA ASN A 147 -10.99 -11.61 11.79
C ASN A 147 -11.50 -12.93 12.31
N ASP A 148 -12.28 -13.62 11.49
CA ASP A 148 -12.59 -15.01 11.75
C ASP A 148 -11.42 -15.91 11.52
N ARG A 149 -11.35 -16.97 12.33
CA ARG A 149 -10.32 -17.99 12.07
C ARG A 149 -10.68 -18.64 10.75
N PRO A 150 -9.74 -18.63 9.77
CA PRO A 150 -10.12 -19.02 8.40
C PRO A 150 -10.11 -20.55 8.21
N ASP A 151 -10.83 -21.26 9.06
CA ASP A 151 -10.80 -22.71 9.11
C ASP A 151 -12.05 -23.33 8.55
N PHE A 152 -12.92 -22.52 7.97
CA PHE A 152 -14.22 -22.97 7.55
C PHE A 152 -14.38 -23.13 6.02
N PHE A 153 -13.29 -22.96 5.28
CA PHE A 153 -13.29 -23.07 3.84
C PHE A 153 -13.24 -24.54 3.42
N LYS A 154 -14.04 -24.87 2.41
CA LYS A 154 -14.03 -26.20 1.80
C LYS A 154 -12.92 -26.34 0.75
N ASP A 155 -12.78 -27.58 0.24
CA ASP A 155 -11.70 -27.85 -0.69
C ASP A 155 -11.98 -27.33 -2.09
N ASP A 156 -13.16 -26.77 -2.37
CA ASP A 156 -13.38 -26.07 -3.65
C ASP A 156 -13.23 -24.56 -3.55
N GLN A 157 -12.89 -24.03 -2.38
CA GLN A 157 -12.77 -22.58 -2.22
C GLN A 157 -11.69 -22.05 -3.08
N LEU A 158 -11.97 -20.92 -3.74
CA LEU A 158 -10.94 -20.17 -4.46
C LEU A 158 -10.39 -19.00 -3.69
N PHE A 159 -9.09 -18.76 -3.91
CA PHE A 159 -8.39 -17.64 -3.30
C PHE A 159 -7.51 -17.00 -4.37
N ILE A 160 -7.25 -15.73 -4.20
CA ILE A 160 -6.13 -15.07 -4.89
C ILE A 160 -5.01 -14.97 -3.87
N VAL A 161 -3.81 -15.41 -4.28
CA VAL A 161 -2.64 -15.28 -3.51
C VAL A 161 -1.70 -14.33 -4.25
N LEU A 162 -1.40 -13.21 -3.64
CA LEU A 162 -0.50 -12.22 -4.19
C LEU A 162 0.78 -12.33 -3.36
N GLU A 163 1.91 -12.51 -4.02
CA GLU A 163 3.24 -12.56 -3.34
C GLU A 163 3.91 -11.27 -3.66
N PHE A 164 4.21 -10.52 -2.63
CA PHE A 164 4.88 -9.25 -2.75
C PHE A 164 6.26 -9.25 -2.12
N GLU A 165 7.10 -8.35 -2.60
CA GLU A 165 8.26 -7.92 -1.85
C GLU A 165 7.84 -7.60 -0.40
N PHE A 166 8.68 -8.01 0.54
CA PHE A 166 8.49 -7.58 1.94
C PHE A 166 8.93 -6.12 2.05
N GLY A 167 7.98 -5.27 2.45
CA GLY A 167 8.20 -3.82 2.46
C GLY A 167 8.62 -3.22 3.77
N GLY A 168 8.71 -4.02 4.84
CA GLY A 168 9.07 -3.50 6.17
C GLY A 168 7.82 -3.41 6.99
N ILE A 169 7.80 -2.39 7.86
CA ILE A 169 6.80 -2.25 8.91
C ILE A 169 6.00 -1.01 8.60
N ASP A 170 4.71 -1.08 8.82
CA ASP A 170 3.81 0.04 8.53
C ASP A 170 4.02 1.21 9.49
N LEU A 171 3.74 2.37 8.95
CA LEU A 171 3.94 3.62 9.64
C LEU A 171 3.14 3.63 10.99
N GLU A 172 1.93 3.08 10.99
CA GLU A 172 1.14 3.01 12.25
C GLU A 172 1.89 2.22 13.34
N GLN A 173 2.45 1.07 12.96
CA GLN A 173 3.24 0.26 13.93
C GLN A 173 4.57 0.90 14.29
N MET A 174 5.01 1.88 13.51
CA MET A 174 6.19 2.65 13.77
C MET A 174 5.91 3.96 14.49
N ARG A 175 4.69 4.10 15.01
CA ARG A 175 4.31 5.36 15.67
C ARG A 175 5.34 5.89 16.64
N THR A 176 5.97 5.01 17.44
CA THR A 176 6.93 5.39 18.48
C THR A 176 8.36 5.04 18.15
N LYS A 177 8.63 4.71 16.90
CA LYS A 177 9.87 4.04 16.57
C LYS A 177 10.80 4.84 15.74
N LEU A 178 10.39 5.96 15.18
CA LEU A 178 11.24 6.71 14.27
C LEU A 178 12.12 7.69 15.00
N SER A 179 13.22 8.06 14.35
CA SER A 179 14.26 8.81 15.01
C SER A 179 13.85 10.26 15.31
N SER A 180 13.42 10.98 14.30
CA SER A 180 13.07 12.38 14.43
C SER A 180 12.19 12.84 13.27
N LEU A 181 11.69 14.08 13.35
CA LEU A 181 10.95 14.63 12.21
C LEU A 181 11.72 14.75 10.90
N ALA A 182 13.05 14.75 10.93
CA ALA A 182 13.82 14.70 9.66
C ALA A 182 13.45 13.45 8.87
N THR A 183 13.21 12.35 9.58
CA THR A 183 12.79 11.11 8.94
C THR A 183 11.41 11.30 8.33
N ALA A 184 10.53 12.01 9.03
CA ALA A 184 9.19 12.28 8.52
C ALA A 184 9.26 13.06 7.20
N LYS A 185 10.22 13.98 7.08
CA LYS A 185 10.41 14.75 5.84
C LYS A 185 10.76 13.84 4.67
N SER A 186 11.75 12.97 4.88
CA SER A 186 12.06 11.98 3.84
C SER A 186 10.88 11.11 3.46
N ILE A 187 10.10 10.63 4.44
CA ILE A 187 8.99 9.80 4.18
C ILE A 187 7.96 10.54 3.30
N LEU A 188 7.66 11.78 3.67
CA LEU A 188 6.70 12.56 2.89
C LEU A 188 7.18 12.85 1.46
N HIS A 189 8.49 13.07 1.33
CA HIS A 189 9.06 13.33 0.02
C HIS A 189 8.97 12.07 -0.86
N GLN A 190 9.35 10.95 -0.27
CA GLN A 190 9.27 9.68 -1.00
C GLN A 190 7.84 9.37 -1.44
N LEU A 191 6.87 9.54 -0.55
CA LEU A 191 5.48 9.34 -0.88
C LEU A 191 5.00 10.24 -2.00
N THR A 192 5.34 11.52 -1.89
CA THR A 192 4.89 12.50 -2.87
C THR A 192 5.48 12.20 -4.25
N ALA A 193 6.77 11.87 -4.27
CA ALA A 193 7.44 11.51 -5.52
C ALA A 193 6.82 10.26 -6.16
N SER A 194 6.56 9.23 -5.38
CA SER A 194 6.01 7.99 -5.94
C SER A 194 4.62 8.27 -6.52
N LEU A 195 3.80 8.99 -5.80
CA LEU A 195 2.46 9.30 -6.25
C LEU A 195 2.51 10.19 -7.53
N ALA A 196 3.45 11.11 -7.58
CA ALA A 196 3.61 11.99 -8.78
C ALA A 196 3.98 11.15 -10.00
N VAL A 197 4.94 10.24 -9.82
CA VAL A 197 5.34 9.41 -10.95
C VAL A 197 4.16 8.56 -11.45
N ALA A 198 3.39 8.00 -10.53
CA ALA A 198 2.21 7.21 -10.89
C ALA A 198 1.09 8.07 -11.52
N GLU A 199 0.95 9.30 -11.06
CA GLU A 199 0.03 10.28 -11.70
C GLU A 199 0.44 10.50 -13.17
N ALA A 200 1.74 10.72 -13.36
CA ALA A 200 2.24 11.07 -14.67
C ALA A 200 2.11 9.89 -15.65
N SER A 201 2.40 8.67 -15.15
CA SER A 201 2.44 7.48 -16.00
CA SER A 201 2.44 7.51 -16.03
C SER A 201 1.06 6.89 -16.21
N LEU A 202 0.26 6.87 -15.16
CA LEU A 202 -0.94 6.05 -15.10
C LEU A 202 -2.21 6.79 -14.69
N ARG A 203 -2.14 8.11 -14.47
CA ARG A 203 -3.30 8.84 -13.93
C ARG A 203 -3.85 8.09 -12.68
N PHE A 204 -2.90 7.75 -11.81
CA PHE A 204 -3.18 6.99 -10.59
C PHE A 204 -3.70 7.83 -9.43
N GLU A 205 -4.70 7.26 -8.73
CA GLU A 205 -5.09 7.69 -7.41
C GLU A 205 -5.10 6.48 -6.47
N HIS A 206 -4.44 6.60 -5.34
CA HIS A 206 -4.39 5.48 -4.40
C HIS A 206 -5.77 5.24 -3.72
N ARG A 207 -6.33 6.31 -3.21
CA ARG A 207 -7.66 6.40 -2.61
C ARG A 207 -7.84 5.75 -1.24
N ASP A 208 -6.80 5.19 -0.68
CA ASP A 208 -6.92 4.54 0.66
C ASP A 208 -5.57 4.51 1.33
N LEU A 209 -4.87 5.66 1.35
CA LEU A 209 -3.47 5.66 1.79
C LEU A 209 -3.37 5.99 3.28
N HIS A 210 -4.08 5.17 4.08
CA HIS A 210 -4.01 5.32 5.53
C HIS A 210 -2.64 4.81 5.99
N TRP A 211 -2.29 5.08 7.23
CA TRP A 211 -0.89 4.83 7.67
C TRP A 211 -0.59 3.35 7.91
N GLY A 212 -1.55 2.48 7.75
CA GLY A 212 -1.29 1.04 7.59
C GLY A 212 -0.70 0.66 6.25
N ASN A 213 -0.79 1.56 5.28
CA ASN A 213 -0.41 1.26 3.88
C ASN A 213 0.85 1.97 3.44
N VAL A 214 1.60 2.53 4.40
CA VAL A 214 2.90 3.10 4.19
C VAL A 214 3.90 2.24 4.91
N LEU A 215 4.78 1.53 4.19
CA LEU A 215 5.73 0.64 4.81
C LEU A 215 7.11 1.23 4.80
N LEU A 216 7.85 0.96 5.85
CA LEU A 216 9.19 1.46 6.04
C LEU A 216 10.18 0.33 6.25
N LYS A 217 11.27 0.37 5.50
CA LYS A 217 12.36 -0.55 5.75
CA LYS A 217 12.38 -0.60 5.59
C LYS A 217 13.70 0.11 5.62
N LYS A 218 14.67 -0.44 6.32
CA LYS A 218 15.99 0.13 6.36
C LYS A 218 16.65 0.00 4.98
N THR A 219 17.37 1.03 4.61
CA THR A 219 18.23 0.98 3.42
C THR A 219 19.59 1.53 3.76
N SER A 220 20.63 0.96 3.15
CA SER A 220 21.95 1.57 3.20
C SER A 220 22.15 2.66 2.15
N LEU A 221 21.19 2.84 1.24
CA LEU A 221 21.34 3.87 0.23
C LEU A 221 21.20 5.24 0.92
N LYS A 222 22.03 6.18 0.54
CA LYS A 222 21.96 7.53 1.11
C LYS A 222 20.89 8.36 0.42
N LYS A 223 20.67 8.06 -0.85
CA LYS A 223 19.63 8.69 -1.58
C LYS A 223 18.95 7.73 -2.53
N LEU A 224 17.68 8.04 -2.75
CA LEU A 224 16.80 7.25 -3.60
C LEU A 224 16.52 8.04 -4.86
N HIS A 225 16.34 7.32 -5.97
CA HIS A 225 16.24 7.91 -7.29
C HIS A 225 14.82 7.70 -7.83
N TYR A 226 14.30 8.72 -8.49
CA TYR A 226 13.09 8.60 -9.30
C TYR A 226 13.27 9.42 -10.58
N THR A 227 12.43 9.11 -11.56
CA THR A 227 12.36 9.90 -12.78
C THR A 227 10.89 10.26 -13.04
N LEU A 228 10.64 11.55 -13.25
CA LEU A 228 9.33 12.08 -13.53
C LEU A 228 9.36 12.76 -14.89
N ASN A 229 8.56 12.25 -15.82
CA ASN A 229 8.52 12.78 -17.19
C ASN A 229 9.90 13.02 -17.77
N GLY A 230 10.77 12.05 -17.56
CA GLY A 230 12.08 12.08 -18.12
C GLY A 230 13.11 12.86 -17.33
N LYS A 231 12.74 13.50 -16.24
CA LYS A 231 13.67 14.25 -15.44
C LYS A 231 13.96 13.47 -14.16
N SER A 232 15.22 13.10 -13.97
CA SER A 232 15.65 12.30 -12.83
C SER A 232 16.03 13.19 -11.65
N SER A 233 15.67 12.76 -10.45
CA SER A 233 16.01 13.47 -9.22
CA SER A 233 16.14 13.46 -9.24
C SER A 233 16.30 12.48 -8.11
N THR A 234 16.76 12.98 -6.97
CA THR A 234 17.03 12.15 -5.83
C THR A 234 16.39 12.68 -4.55
N ILE A 235 16.26 11.79 -3.57
CA ILE A 235 15.67 12.10 -2.27
C ILE A 235 16.58 11.52 -1.20
N PRO A 236 16.99 12.34 -0.23
CA PRO A 236 17.75 11.75 0.86
C PRO A 236 16.95 10.78 1.66
N SER A 237 17.47 9.59 1.89
CA SER A 237 16.68 8.52 2.47
C SER A 237 16.48 8.61 3.99
N CYS A 238 17.40 9.26 4.71
CA CYS A 238 17.43 9.13 6.17
C CYS A 238 17.46 7.68 6.61
N GLY A 239 18.06 6.81 5.77
CA GLY A 239 18.14 5.40 6.11
C GLY A 239 16.90 4.57 5.95
N LEU A 240 15.84 5.09 5.32
CA LEU A 240 14.61 4.38 5.13
C LEU A 240 14.12 4.44 3.69
N GLN A 241 13.57 3.31 3.25
CA GLN A 241 12.88 3.26 1.99
C GLN A 241 11.41 3.01 2.25
N VAL A 242 10.57 3.84 1.63
CA VAL A 242 9.13 3.81 1.76
C VAL A 242 8.49 3.00 0.64
N SER A 243 7.56 2.15 0.97
CA SER A 243 6.76 1.43 -0.02
C SER A 243 5.30 1.62 0.23
N ILE A 244 4.56 2.04 -0.76
CA ILE A 244 3.13 2.18 -0.71
C ILE A 244 2.50 0.85 -1.10
N ILE A 245 1.51 0.39 -0.33
CA ILE A 245 0.80 -0.86 -0.57
C ILE A 245 -0.70 -0.66 -0.63
N ASP A 246 -1.42 -1.71 -1.07
CA ASP A 246 -2.87 -1.91 -0.91
C ASP A 246 -3.67 -1.11 -1.86
N TYR A 247 -3.97 -1.71 -3.02
CA TYR A 247 -4.61 -0.98 -4.10
C TYR A 247 -6.09 -1.34 -4.25
N THR A 248 -6.69 -1.80 -3.17
CA THR A 248 -8.09 -2.22 -3.22
CA THR A 248 -8.11 -2.21 -3.13
C THR A 248 -9.10 -1.13 -3.64
N LEU A 249 -8.80 0.14 -3.35
CA LEU A 249 -9.68 1.24 -3.73
C LEU A 249 -9.10 2.09 -4.87
N SER A 250 -7.94 1.71 -5.39
CA SER A 250 -7.22 2.54 -6.34
C SER A 250 -7.82 2.65 -7.70
N ARG A 251 -7.33 3.61 -8.45
CA ARG A 251 -7.77 3.89 -9.79
C ARG A 251 -6.57 4.24 -10.65
N LEU A 252 -6.58 3.77 -11.90
CA LEU A 252 -5.63 4.26 -12.90
C LEU A 252 -6.20 4.05 -14.28
N GLU A 253 -5.44 4.41 -15.29
CA GLU A 253 -5.88 4.15 -16.64
C GLU A 253 -4.68 3.99 -17.55
N ARG A 254 -4.87 3.21 -18.59
CA ARG A 254 -3.94 3.17 -19.71
C ARG A 254 -4.76 3.21 -21.00
N ASP A 255 -4.41 4.13 -21.88
CA ASP A 255 -5.03 4.29 -23.19
C ASP A 255 -6.56 4.45 -23.09
N GLY A 256 -6.98 5.25 -22.08
CA GLY A 256 -8.42 5.49 -21.81
C GLY A 256 -9.27 4.37 -21.25
N ILE A 257 -8.62 3.25 -20.87
CA ILE A 257 -9.30 2.20 -20.20
C ILE A 257 -9.02 2.45 -18.73
N VAL A 258 -10.11 2.67 -17.98
CA VAL A 258 -10.03 2.98 -16.54
C VAL A 258 -10.26 1.71 -15.70
N VAL A 259 -9.37 1.50 -14.74
CA VAL A 259 -9.45 0.42 -13.82
C VAL A 259 -9.65 1.03 -12.45
N PHE A 260 -10.72 0.64 -11.77
CA PHE A 260 -11.04 1.30 -10.48
C PHE A 260 -12.04 0.49 -9.65
N CYS A 261 -12.22 0.88 -8.39
CA CYS A 261 -13.25 0.32 -7.53
C CYS A 261 -14.42 1.29 -7.44
N ASP A 262 -15.58 0.90 -8.01
CA ASP A 262 -16.71 1.74 -7.95
C ASP A 262 -17.37 1.66 -6.57
N VAL A 263 -17.18 2.71 -5.78
CA VAL A 263 -17.73 2.76 -4.43
C VAL A 263 -18.91 3.74 -4.32
N SER A 264 -19.46 4.14 -5.47
CA SER A 264 -20.58 5.09 -5.52
C SER A 264 -21.80 4.69 -4.70
N MET A 265 -22.04 3.39 -4.56
CA MET A 265 -23.22 2.88 -3.81
C MET A 265 -22.82 2.29 -2.48
N ASP A 266 -21.56 2.43 -2.10
CA ASP A 266 -21.14 1.98 -0.78
C ASP A 266 -21.68 2.95 0.25
N GLU A 267 -22.16 2.44 1.37
CA GLU A 267 -22.63 3.32 2.42
C GLU A 267 -21.53 3.51 3.47
N ASP A 268 -21.08 2.36 4.00
CA ASP A 268 -20.29 2.31 5.20
C ASP A 268 -18.98 3.07 5.04
N LEU A 269 -18.44 3.11 3.81
CA LEU A 269 -17.16 3.77 3.58
C LEU A 269 -17.16 5.24 3.96
N PHE A 270 -18.32 5.88 3.81
CA PHE A 270 -18.46 7.33 4.08
C PHE A 270 -19.05 7.69 5.42
N THR A 271 -19.23 6.71 6.31
CA THR A 271 -19.84 6.98 7.61
C THR A 271 -18.93 6.67 8.80
N GLY A 272 -17.63 6.55 8.58
CA GLY A 272 -16.71 6.36 9.69
C GLY A 272 -16.53 7.62 10.50
N ASP A 273 -16.02 7.43 11.71
CA ASP A 273 -15.73 8.47 12.66
C ASP A 273 -14.51 8.13 13.51
N GLY A 274 -13.95 9.13 14.16
CA GLY A 274 -12.91 8.95 15.15
C GLY A 274 -11.48 9.13 14.66
N ASP A 275 -11.31 9.48 13.38
CA ASP A 275 -9.97 9.59 12.78
C ASP A 275 -10.19 10.42 11.48
N TYR A 276 -9.28 11.34 11.23
CA TYR A 276 -9.25 12.10 9.95
C TYR A 276 -9.32 11.18 8.73
N GLN A 277 -8.79 9.96 8.82
CA GLN A 277 -8.94 8.95 7.78
C GLN A 277 -10.35 8.93 7.20
N PHE A 278 -11.33 8.89 8.07
CA PHE A 278 -12.72 8.76 7.66
C PHE A 278 -13.30 9.98 6.98
N ASP A 279 -12.76 11.15 7.31
CA ASP A 279 -13.10 12.35 6.60
C ASP A 279 -12.56 12.35 5.18
N ILE A 280 -11.40 11.72 4.97
CA ILE A 280 -10.82 11.67 3.62
C ILE A 280 -11.74 10.97 2.63
N TYR A 281 -12.41 9.89 3.03
CA TYR A 281 -13.35 9.22 2.14
C TYR A 281 -14.45 10.20 1.73
N ARG A 282 -14.97 10.96 2.70
CA ARG A 282 -16.01 11.94 2.42
C ARG A 282 -15.49 13.08 1.56
N LEU A 283 -14.27 13.54 1.83
CA LEU A 283 -13.69 14.62 1.06
C LEU A 283 -13.39 14.20 -0.40
N MET A 284 -12.99 12.94 -0.62
CA MET A 284 -12.82 12.44 -1.98
C MET A 284 -14.13 12.47 -2.74
N LYS A 285 -15.20 12.01 -2.08
CA LYS A 285 -16.54 11.93 -2.67
C LYS A 285 -17.04 13.33 -3.04
N LYS A 286 -16.73 14.33 -2.21
CA LYS A 286 -17.03 15.72 -2.52
C LYS A 286 -16.28 16.19 -3.78
N GLU A 287 -14.96 15.94 -3.82
CA GLU A 287 -14.10 16.34 -4.93
C GLU A 287 -14.55 15.73 -6.26
N ASN A 288 -14.98 14.47 -6.24
CA ASN A 288 -15.32 13.78 -7.48
C ASN A 288 -16.80 13.67 -7.75
N ASN A 289 -17.62 14.31 -6.93
CA ASN A 289 -19.09 14.24 -7.13
C ASN A 289 -19.62 12.81 -7.20
N ASN A 290 -18.98 11.92 -6.46
CA ASN A 290 -19.32 10.50 -6.43
C ASN A 290 -19.19 9.77 -7.76
N ARG A 291 -18.30 10.28 -8.62
CA ARG A 291 -18.00 9.62 -9.90
C ARG A 291 -16.54 9.09 -9.84
N TRP A 292 -16.42 7.81 -9.53
CA TRP A 292 -15.12 7.21 -9.16
C TRP A 292 -14.31 6.82 -10.39
N GLY A 293 -14.95 6.71 -11.54
CA GLY A 293 -14.21 6.50 -12.78
C GLY A 293 -13.36 7.67 -13.21
N GLU A 294 -13.75 8.90 -12.84
CA GLU A 294 -13.01 10.09 -13.25
C GLU A 294 -11.63 10.16 -12.55
N TYR A 295 -10.76 10.98 -13.12
CA TYR A 295 -9.43 11.23 -12.58
C TYR A 295 -9.46 12.54 -11.80
N HIS A 296 -9.23 12.40 -10.50
CA HIS A 296 -9.12 13.55 -9.55
C HIS A 296 -7.88 13.36 -8.70
N PRO A 297 -6.72 13.73 -9.23
CA PRO A 297 -5.47 13.49 -8.48
C PRO A 297 -5.37 14.33 -7.20
N TYR A 298 -6.31 15.25 -7.01
CA TYR A 298 -6.42 15.89 -5.68
C TYR A 298 -6.63 14.88 -4.55
N SER A 299 -7.17 13.69 -4.84
CA SER A 299 -7.30 12.72 -3.77
C SER A 299 -5.94 12.31 -3.21
N ASN A 300 -4.92 12.29 -4.04
CA ASN A 300 -3.59 11.99 -3.56
C ASN A 300 -3.10 13.09 -2.61
N VAL A 301 -3.40 14.32 -2.90
CA VAL A 301 -3.07 15.44 -2.00
C VAL A 301 -3.78 15.23 -0.67
N LEU A 302 -5.08 14.90 -0.71
CA LEU A 302 -5.83 14.65 0.52
C LEU A 302 -5.19 13.60 1.39
N TRP A 303 -4.84 12.47 0.79
CA TRP A 303 -4.13 11.44 1.57
C TRP A 303 -2.78 11.88 2.10
N LEU A 304 -2.04 12.64 1.31
CA LEU A 304 -0.77 13.17 1.78
C LEU A 304 -0.97 14.13 2.93
N HIS A 305 -2.07 14.89 2.92
CA HIS A 305 -2.40 15.78 4.05
C HIS A 305 -2.73 14.98 5.30
N TYR A 306 -3.51 13.90 5.13
CA TYR A 306 -3.83 12.99 6.24
C TYR A 306 -2.54 12.39 6.83
N LEU A 307 -1.57 12.04 5.95
CA LEU A 307 -0.30 11.45 6.43
C LEU A 307 0.55 12.48 7.13
N THR A 308 0.58 13.70 6.60
CA THR A 308 1.30 14.79 7.26
C THR A 308 0.74 15.08 8.64
N ASP A 309 -0.60 15.06 8.74
CA ASP A 309 -1.32 15.22 9.97
C ASP A 309 -0.93 14.15 10.99
N LYS A 310 -0.89 12.89 10.53
CA LYS A 310 -0.37 11.81 11.40
C LYS A 310 1.04 12.10 11.90
N MET A 311 1.92 12.58 11.02
CA MET A 311 3.32 12.84 11.36
CA MET A 311 3.29 12.79 11.43
C MET A 311 3.41 13.88 12.49
N LEU A 312 2.54 14.87 12.42
CA LEU A 312 2.57 15.95 13.39
C LEU A 312 1.77 15.73 14.62
N LYS A 313 0.75 14.91 14.56
CA LYS A 313 -0.13 14.73 15.68
C LYS A 313 -0.10 13.40 16.42
N GLN A 314 0.24 12.32 15.72
CA GLN A 314 0.16 11.01 16.33
C GLN A 314 1.51 10.34 16.41
N MET A 315 2.39 10.55 15.46
CA MET A 315 3.74 10.00 15.55
C MET A 315 4.44 10.67 16.71
N THR A 316 5.29 9.92 17.41
CA THR A 316 6.11 10.48 18.44
C THR A 316 7.53 9.97 18.23
N PHE A 317 8.51 10.85 18.28
CA PHE A 317 9.84 10.54 17.87
C PHE A 317 10.78 10.40 19.01
N LYS A 318 11.78 9.54 18.82
CA LYS A 318 12.75 9.26 19.87
C LYS A 318 13.55 10.50 20.28
N THR A 319 13.88 11.31 19.26
CA THR A 319 14.54 12.60 19.46
C THR A 319 13.60 13.72 19.00
N LYS A 320 13.28 14.64 19.92
CA LYS A 320 12.43 15.77 19.58
C LYS A 320 13.28 16.83 18.86
N CYS A 321 12.61 17.90 18.45
CA CYS A 321 13.23 18.99 17.76
C CYS A 321 13.81 19.92 18.82
N ASN A 322 15.01 19.57 19.26
CA ASN A 322 15.66 20.25 20.37
C ASN A 322 16.54 21.43 19.95
N THR A 323 17.07 21.39 18.71
CA THR A 323 17.95 22.48 18.21
C THR A 323 17.14 23.39 17.27
N PRO A 324 17.56 24.65 17.06
CA PRO A 324 16.85 25.51 16.08
C PRO A 324 16.73 24.92 14.66
N ALA A 325 17.77 24.18 14.24
CA ALA A 325 17.74 23.52 12.93
C ALA A 325 16.65 22.43 12.84
N MET A 326 16.46 21.67 13.91
CA MET A 326 15.34 20.73 13.98
C MET A 326 13.99 21.43 14.11
N LYS A 327 13.89 22.50 14.91
CA LYS A 327 12.66 23.27 15.00
C LYS A 327 12.30 23.86 13.63
N GLN A 328 13.31 24.11 12.80
CA GLN A 328 13.13 24.58 11.43
C GLN A 328 12.48 23.52 10.57
N ILE A 329 12.98 22.28 10.64
CA ILE A 329 12.33 21.19 9.88
C ILE A 329 10.90 21.02 10.36
N LYS A 330 10.67 21.09 11.68
CA LYS A 330 9.31 21.02 12.20
C LYS A 330 8.47 22.13 11.60
N ARG A 331 8.99 23.35 11.62
CA ARG A 331 8.26 24.46 11.01
C ARG A 331 7.93 24.26 9.54
N LYS A 332 8.87 23.71 8.79
CA LYS A 332 8.66 23.43 7.36
C LYS A 332 7.59 22.37 7.13
N ILE A 333 7.54 21.35 7.97
CA ILE A 333 6.48 20.36 7.85
C ILE A 333 5.13 20.93 8.29
N GLN A 334 5.12 21.77 9.31
CA GLN A 334 3.88 22.47 9.68
C GLN A 334 3.40 23.40 8.53
N GLU A 335 4.35 24.02 7.88
CA GLU A 335 4.03 24.88 6.72
C GLU A 335 3.45 24.06 5.57
N PHE A 336 4.02 22.87 5.34
CA PHE A 336 3.49 21.96 4.35
C PHE A 336 2.06 21.60 4.68
N HIS A 337 1.83 21.21 5.93
CA HIS A 337 0.51 20.83 6.38
C HIS A 337 -0.53 21.91 6.10
N ARG A 338 -0.20 23.18 6.33
CA ARG A 338 -1.19 24.25 6.17
CA ARG A 338 -1.15 24.29 6.17
C ARG A 338 -1.30 24.78 4.73
N THR A 339 -0.39 24.40 3.84
CA THR A 339 -0.43 24.90 2.47
C THR A 339 -0.79 23.85 1.41
N MET A 340 -0.52 22.58 1.70
CA MET A 340 -0.55 21.54 0.67
C MET A 340 -1.94 21.34 0.06
N LEU A 341 -3.00 21.63 0.80
CA LEU A 341 -4.35 21.46 0.24
C LEU A 341 -4.67 22.44 -0.86
N ASN A 342 -3.78 23.42 -1.07
CA ASN A 342 -3.93 24.34 -2.22
C ASN A 342 -3.18 23.93 -3.48
N PHE A 343 -2.71 22.68 -3.52
CA PHE A 343 -2.06 22.10 -4.68
C PHE A 343 -2.98 21.08 -5.31
N SER A 344 -2.83 20.88 -6.61
CA SER A 344 -3.85 20.14 -7.37
C SER A 344 -3.59 18.67 -7.52
N SER A 345 -2.37 18.23 -7.23
CA SER A 345 -1.94 16.84 -7.42
C SER A 345 -0.62 16.61 -6.71
N ALA A 346 -0.21 15.36 -6.54
CA ALA A 346 1.08 15.08 -6.01
C ALA A 346 2.17 15.64 -6.92
N THR A 347 1.93 15.58 -8.22
CA THR A 347 2.87 16.15 -9.19
C THR A 347 3.06 17.66 -8.91
N ASP A 348 1.96 18.40 -8.74
CA ASP A 348 2.05 19.83 -8.39
C ASP A 348 2.81 20.03 -7.09
N LEU A 349 2.52 19.24 -6.05
CA LEU A 349 3.29 19.32 -4.83
C LEU A 349 4.79 19.08 -5.04
N LEU A 350 5.12 18.01 -5.72
CA LEU A 350 6.53 17.64 -5.86
C LEU A 350 7.30 18.73 -6.60
N CYS A 351 6.67 19.24 -7.65
CA CYS A 351 7.35 20.18 -8.57
C CYS A 351 7.35 21.61 -8.04
N GLN A 352 6.36 21.97 -7.21
CA GLN A 352 6.17 23.38 -6.81
CA GLN A 352 6.19 23.38 -6.81
C GLN A 352 6.27 23.66 -5.32
N HIS A 353 6.15 22.66 -4.45
CA HIS A 353 6.17 22.95 -3.04
C HIS A 353 7.58 23.24 -2.54
N SER A 354 7.71 24.29 -1.76
CA SER A 354 9.01 24.63 -1.17
C SER A 354 9.66 23.53 -0.31
N LEU A 355 8.87 22.65 0.32
CA LEU A 355 9.39 21.59 1.17
C LEU A 355 10.41 20.73 0.38
N PHE A 356 10.19 20.59 -0.91
CA PHE A 356 10.98 19.67 -1.74
C PHE A 356 12.03 20.35 -2.59
N LYS A 357 12.35 21.59 -2.28
CA LYS A 357 13.41 22.30 -2.99
C LYS A 357 14.66 22.27 -2.12
#